data_2ID1
#
_entry.id   2ID1
#
_cell.length_a   44.188
_cell.length_b   76.099
_cell.length_c   74.550
_cell.angle_alpha   90.00
_cell.angle_beta   90.00
_cell.angle_gamma   90.00
#
_symmetry.space_group_name_H-M   'P 21 21 21'
#
loop_
_entity.id
_entity.type
_entity.pdbx_description
1 polymer 'Hypothetical protein'
2 non-polymer 'IODIDE ION'
3 water water
#
_entity_poly.entity_id   1
_entity_poly.type   'polypeptide(L)'
_entity_poly.pdbx_seq_one_letter_code
;(MSE)EIQEISKLAIEALEDIKGKDIIELDTSKLTSLFQR(MSE)IVATGDSNRQVKALANSVQVKLKEAGVDIVGSEGH
ESGEWVLVDAGDVVVHV(MSE)LPAVRDYYDIEALWGGQKPSFAVGAAKPWSAVLEHHHHHH
;
_entity_poly.pdbx_strand_id   A,B
#
loop_
_chem_comp.id
_chem_comp.type
_chem_comp.name
_chem_comp.formula
IOD non-polymer 'IODIDE ION' 'I -1'
#
# COMPACT_ATOMS: atom_id res chain seq x y z
N MSE A 1 -0.20 -15.65 -21.19
CA MSE A 1 0.66 -14.92 -22.18
C MSE A 1 1.90 -14.31 -21.50
O MSE A 1 2.19 -14.62 -20.35
CB MSE A 1 -0.18 -13.82 -22.84
CG MSE A 1 -0.88 -12.94 -21.84
SE MSE A 1 -2.21 -11.97 -22.52
CE MSE A 1 -3.63 -12.89 -21.91
N GLU A 2 2.60 -13.45 -22.23
CA GLU A 2 3.81 -12.80 -21.70
C GLU A 2 3.54 -11.64 -20.74
N ILE A 3 4.48 -11.42 -19.83
CA ILE A 3 4.41 -10.35 -18.83
C ILE A 3 3.88 -9.02 -19.41
N GLN A 4 4.49 -8.50 -20.46
CA GLN A 4 4.00 -7.24 -21.01
C GLN A 4 2.77 -7.44 -21.89
N GLU A 5 2.34 -8.69 -22.05
CA GLU A 5 1.17 -8.99 -22.86
C GLU A 5 -0.07 -8.71 -22.02
N ILE A 6 -0.13 -9.33 -20.85
CA ILE A 6 -1.26 -9.14 -19.93
C ILE A 6 -1.38 -7.67 -19.54
N SER A 7 -0.24 -6.98 -19.54
CA SER A 7 -0.20 -5.56 -19.20
C SER A 7 -1.00 -4.75 -20.19
N LYS A 8 -0.76 -4.98 -21.48
CA LYS A 8 -1.46 -4.26 -22.54
C LYS A 8 -2.94 -4.60 -22.59
N LEU A 9 -3.26 -5.80 -22.10
CA LEU A 9 -4.63 -6.30 -22.06
C LEU A 9 -5.40 -5.56 -20.96
N ALA A 10 -4.73 -5.32 -19.83
CA ALA A 10 -5.31 -4.62 -18.69
C ALA A 10 -5.47 -3.15 -19.02
N ILE A 11 -4.54 -2.60 -19.80
CA ILE A 11 -4.58 -1.20 -20.18
C ILE A 11 -5.70 -0.97 -21.17
N GLU A 12 -5.72 -1.77 -22.22
CA GLU A 12 -6.77 -1.65 -23.23
C GLU A 12 -8.13 -1.69 -22.55
N ALA A 13 -8.26 -2.62 -21.58
CA ALA A 13 -9.49 -2.79 -20.81
C ALA A 13 -9.89 -1.51 -20.08
N LEU A 14 -8.90 -0.83 -19.53
CA LEU A 14 -9.14 0.41 -18.84
C LEU A 14 -9.56 1.47 -19.86
N GLU A 15 -9.10 1.32 -21.10
CA GLU A 15 -9.46 2.26 -22.16
C GLU A 15 -10.88 2.02 -22.71
N ASP A 16 -11.38 0.80 -22.56
CA ASP A 16 -12.71 0.51 -23.05
C ASP A 16 -13.75 1.33 -22.28
N ILE A 17 -13.45 1.71 -21.04
CA ILE A 17 -14.37 2.51 -20.25
C ILE A 17 -13.76 3.90 -20.01
N LYS A 18 -13.16 4.47 -21.04
CA LYS A 18 -12.56 5.80 -20.97
C LYS A 18 -11.84 6.11 -19.64
N GLY A 19 -10.76 5.38 -19.38
CA GLY A 19 -10.00 5.59 -18.16
C GLY A 19 -9.10 6.80 -18.33
N LYS A 20 -8.99 7.60 -17.28
CA LYS A 20 -8.18 8.81 -17.32
C LYS A 20 -6.77 8.61 -16.75
N ASP A 21 -5.80 9.33 -17.33
CA ASP A 21 -4.41 9.28 -16.90
C ASP A 21 -3.90 7.89 -16.58
N ILE A 22 -4.06 6.97 -17.53
CA ILE A 22 -3.59 5.60 -17.34
C ILE A 22 -2.06 5.51 -17.46
N ILE A 23 -1.41 4.90 -16.47
CA ILE A 23 0.03 4.78 -16.50
C ILE A 23 0.52 3.38 -16.15
N GLU A 24 1.71 3.04 -16.65
CA GLU A 24 2.28 1.73 -16.40
C GLU A 24 3.70 1.87 -15.85
N LEU A 25 3.93 1.34 -14.65
CA LEU A 25 5.26 1.41 -14.02
C LEU A 25 5.93 0.05 -13.94
N ASP A 26 7.24 0.04 -14.13
CA ASP A 26 8.01 -1.19 -14.09
C ASP A 26 8.61 -1.42 -12.70
N THR A 27 7.86 -2.07 -11.83
CA THR A 27 8.31 -2.33 -10.48
C THR A 27 9.31 -3.46 -10.37
N SER A 28 9.65 -4.03 -11.53
CA SER A 28 10.58 -5.15 -11.64
C SER A 28 11.76 -5.12 -10.68
N LYS A 29 12.52 -4.04 -10.69
CA LYS A 29 13.67 -3.93 -9.81
C LYS A 29 13.36 -3.25 -8.47
N LEU A 30 12.09 -3.21 -8.08
CA LEU A 30 11.73 -2.57 -6.81
C LEU A 30 11.14 -3.56 -5.83
N THR A 31 10.53 -4.63 -6.35
CA THR A 31 9.94 -5.67 -5.50
C THR A 31 9.75 -6.95 -6.28
N SER A 32 9.46 -8.01 -5.54
CA SER A 32 9.24 -9.31 -6.14
C SER A 32 7.75 -9.58 -6.24
N LEU A 33 6.96 -8.77 -5.54
CA LEU A 33 5.52 -8.92 -5.53
C LEU A 33 4.94 -8.94 -6.94
N PHE A 34 5.38 -8.01 -7.77
CA PHE A 34 4.90 -7.90 -9.15
C PHE A 34 5.89 -7.16 -10.06
N GLN A 35 5.78 -7.38 -11.36
CA GLN A 35 6.66 -6.75 -12.32
C GLN A 35 6.14 -5.44 -12.90
N ARG A 36 4.87 -5.44 -13.30
CA ARG A 36 4.27 -4.25 -13.86
C ARG A 36 3.04 -3.80 -13.06
N MSE A 37 2.92 -2.49 -12.88
CA MSE A 37 1.81 -1.90 -12.14
C MSE A 37 1.12 -0.87 -13.02
O MSE A 37 1.76 -0.20 -13.83
CB MSE A 37 2.29 -1.19 -10.89
CG MSE A 37 1.20 -0.39 -10.23
SE MSE A 37 1.67 0.36 -8.51
CE MSE A 37 1.43 -1.22 -7.40
N ILE A 38 -0.19 -0.73 -12.86
CA ILE A 38 -0.94 0.22 -13.67
C ILE A 38 -1.86 1.04 -12.77
N VAL A 39 -1.91 2.35 -13.00
CA VAL A 39 -2.75 3.21 -12.20
C VAL A 39 -3.60 4.07 -13.11
N ALA A 40 -4.92 3.86 -13.11
CA ALA A 40 -5.80 4.66 -13.96
C ALA A 40 -6.79 5.39 -13.07
N THR A 41 -7.33 6.49 -13.58
CA THR A 41 -8.28 7.31 -12.83
C THR A 41 -9.73 7.21 -13.30
N GLY A 42 -10.65 7.17 -12.33
CA GLY A 42 -12.05 7.12 -12.66
C GLY A 42 -12.74 8.34 -12.05
N ASP A 43 -13.50 9.09 -12.86
CA ASP A 43 -14.16 10.29 -12.34
C ASP A 43 -15.30 10.06 -11.34
N SER A 44 -15.73 8.82 -11.15
CA SER A 44 -16.81 8.57 -10.22
C SER A 44 -16.82 7.11 -9.83
N ASN A 45 -17.30 6.79 -8.64
CA ASN A 45 -17.33 5.42 -8.19
C ASN A 45 -17.86 4.52 -9.27
N ARG A 46 -18.88 5.00 -9.97
CA ARG A 46 -19.47 4.24 -11.04
C ARG A 46 -18.41 3.92 -12.07
N GLN A 47 -17.68 4.93 -12.51
CA GLN A 47 -16.65 4.70 -13.51
C GLN A 47 -15.51 3.89 -12.95
N VAL A 48 -15.14 4.16 -11.71
CA VAL A 48 -14.06 3.44 -11.10
C VAL A 48 -14.36 1.96 -11.03
N LYS A 49 -15.56 1.63 -10.57
CA LYS A 49 -15.98 0.25 -10.44
C LYS A 49 -16.13 -0.41 -11.81
N ALA A 50 -16.49 0.38 -12.82
CA ALA A 50 -16.64 -0.13 -14.18
C ALA A 50 -15.26 -0.44 -14.75
N LEU A 51 -14.30 0.45 -14.49
CA LEU A 51 -12.95 0.26 -14.95
C LEU A 51 -12.40 -1.00 -14.27
N ALA A 52 -12.65 -1.13 -12.96
CA ALA A 52 -12.21 -2.28 -12.21
C ALA A 52 -12.86 -3.54 -12.79
N ASN A 53 -14.15 -3.48 -13.08
CA ASN A 53 -14.82 -4.65 -13.63
C ASN A 53 -14.29 -5.00 -14.99
N SER A 54 -14.15 -3.99 -15.84
CA SER A 54 -13.65 -4.22 -17.20
C SER A 54 -12.29 -4.94 -17.15
N VAL A 55 -11.41 -4.50 -16.25
CA VAL A 55 -10.12 -5.15 -16.16
C VAL A 55 -10.24 -6.62 -15.79
N GLN A 56 -11.16 -6.96 -14.89
CA GLN A 56 -11.29 -8.35 -14.51
C GLN A 56 -11.92 -9.17 -15.62
N VAL A 57 -13.03 -8.68 -16.18
CA VAL A 57 -13.69 -9.44 -17.24
C VAL A 57 -12.81 -9.66 -18.47
N LYS A 58 -11.92 -8.72 -18.74
CA LYS A 58 -11.02 -8.79 -19.88
C LYS A 58 -9.90 -9.81 -19.66
N LEU A 59 -9.30 -9.77 -18.48
CA LEU A 59 -8.22 -10.70 -18.15
C LEU A 59 -8.75 -12.12 -17.97
N LYS A 60 -10.04 -12.26 -17.65
CA LYS A 60 -10.60 -13.59 -17.49
C LYS A 60 -10.89 -14.26 -18.84
N GLU A 61 -11.49 -13.52 -19.77
CA GLU A 61 -11.80 -14.10 -21.08
C GLU A 61 -10.51 -14.43 -21.84
N ALA A 62 -9.37 -13.98 -21.32
CA ALA A 62 -8.09 -14.22 -21.94
C ALA A 62 -7.33 -15.32 -21.19
N GLY A 63 -8.01 -15.93 -20.22
CA GLY A 63 -7.41 -16.99 -19.45
C GLY A 63 -6.32 -16.51 -18.50
N VAL A 64 -6.64 -15.47 -17.73
CA VAL A 64 -5.70 -14.92 -16.76
C VAL A 64 -6.40 -14.78 -15.43
N ASP A 65 -6.44 -15.85 -14.66
CA ASP A 65 -7.09 -15.82 -13.37
C ASP A 65 -6.57 -14.63 -12.57
N ILE A 66 -7.45 -14.06 -11.76
CA ILE A 66 -7.10 -12.90 -10.93
C ILE A 66 -7.02 -13.29 -9.46
N VAL A 67 -5.89 -13.00 -8.84
CA VAL A 67 -5.67 -13.31 -7.43
C VAL A 67 -6.81 -12.77 -6.55
N GLY A 68 -7.45 -11.70 -7.02
CA GLY A 68 -8.54 -11.13 -6.25
C GLY A 68 -8.58 -9.62 -6.28
N SER A 69 -9.75 -9.05 -5.99
CA SER A 69 -9.91 -7.61 -5.97
C SER A 69 -10.10 -7.14 -4.55
N GLU A 70 -10.09 -5.81 -4.37
CA GLU A 70 -10.26 -5.23 -3.05
C GLU A 70 -10.73 -3.80 -3.21
N GLY A 71 -11.65 -3.38 -2.36
CA GLY A 71 -12.16 -2.02 -2.45
C GLY A 71 -13.11 -1.81 -3.60
N HIS A 72 -13.59 -2.90 -4.19
CA HIS A 72 -14.51 -2.80 -5.31
C HIS A 72 -15.86 -2.25 -4.87
N GLU A 73 -16.07 -2.21 -3.56
CA GLU A 73 -17.33 -1.74 -2.99
C GLU A 73 -17.53 -0.23 -3.03
N SER A 74 -16.77 0.50 -2.24
CA SER A 74 -16.87 1.96 -2.18
C SER A 74 -16.55 2.63 -3.51
N GLY A 75 -15.66 2.01 -4.29
CA GLY A 75 -15.29 2.56 -5.58
C GLY A 75 -14.42 3.79 -5.49
N GLU A 76 -13.56 3.81 -4.49
CA GLU A 76 -12.69 4.96 -4.30
C GLU A 76 -11.27 4.59 -4.69
N TRP A 77 -10.88 3.39 -4.32
CA TRP A 77 -9.56 2.87 -4.62
C TRP A 77 -9.69 1.37 -4.73
N VAL A 78 -9.85 0.90 -5.97
CA VAL A 78 -9.99 -0.52 -6.26
C VAL A 78 -8.66 -1.08 -6.76
N LEU A 79 -8.27 -2.22 -6.22
CA LEU A 79 -7.01 -2.87 -6.57
C LEU A 79 -7.24 -4.26 -7.15
N VAL A 80 -7.00 -4.41 -8.45
CA VAL A 80 -7.18 -5.70 -9.09
C VAL A 80 -5.85 -6.42 -9.17
N ASP A 81 -5.64 -7.39 -8.28
CA ASP A 81 -4.40 -8.15 -8.23
C ASP A 81 -4.33 -9.27 -9.28
N ALA A 82 -3.44 -9.12 -10.25
CA ALA A 82 -3.31 -10.14 -11.30
C ALA A 82 -1.96 -10.86 -11.30
N GLY A 83 -1.48 -11.23 -10.12
CA GLY A 83 -0.22 -11.93 -10.02
C GLY A 83 1.06 -11.10 -10.19
N ASP A 84 1.65 -11.15 -11.38
CA ASP A 84 2.87 -10.40 -11.65
C ASP A 84 2.53 -9.00 -12.12
N VAL A 85 1.25 -8.77 -12.36
CA VAL A 85 0.77 -7.47 -12.77
C VAL A 85 -0.46 -7.13 -11.95
N VAL A 86 -0.54 -5.88 -11.51
CA VAL A 86 -1.67 -5.45 -10.71
C VAL A 86 -2.14 -4.08 -11.18
N VAL A 87 -3.46 -3.90 -11.21
CA VAL A 87 -4.06 -2.64 -11.66
C VAL A 87 -4.73 -1.87 -10.52
N HIS A 88 -4.45 -0.57 -10.49
CA HIS A 88 -5.02 0.33 -9.49
C HIS A 88 -5.95 1.32 -10.18
N VAL A 89 -7.23 1.30 -9.80
CA VAL A 89 -8.22 2.22 -10.36
C VAL A 89 -8.66 3.04 -9.16
N MSE A 90 -8.49 4.36 -9.23
CA MSE A 90 -8.86 5.20 -8.10
C MSE A 90 -9.37 6.59 -8.48
O MSE A 90 -9.09 7.09 -9.57
CB MSE A 90 -7.68 5.29 -7.15
CG MSE A 90 -6.33 5.46 -7.85
SE MSE A 90 -4.78 5.28 -6.63
CE MSE A 90 -3.65 4.17 -7.77
N LEU A 91 -10.15 7.19 -7.58
CA LEU A 91 -10.69 8.54 -7.82
C LEU A 91 -9.55 9.55 -7.83
N PRO A 92 -9.69 10.61 -8.62
CA PRO A 92 -8.67 11.66 -8.74
C PRO A 92 -8.13 12.16 -7.39
N ALA A 93 -9.05 12.52 -6.49
CA ALA A 93 -8.68 13.00 -5.15
C ALA A 93 -7.96 11.91 -4.36
N VAL A 94 -8.34 10.65 -4.60
CA VAL A 94 -7.71 9.55 -3.91
C VAL A 94 -6.31 9.31 -4.46
N ARG A 95 -6.19 9.21 -5.78
CA ARG A 95 -4.88 9.00 -6.39
C ARG A 95 -3.90 10.05 -5.87
N ASP A 96 -4.26 11.33 -6.01
CA ASP A 96 -3.41 12.41 -5.54
C ASP A 96 -3.03 12.30 -4.06
N TYR A 97 -3.98 11.90 -3.21
CA TYR A 97 -3.73 11.80 -1.76
C TYR A 97 -2.67 10.83 -1.33
N TYR A 98 -2.84 9.58 -1.76
CA TYR A 98 -1.93 8.51 -1.43
C TYR A 98 -0.69 8.53 -2.31
N ASP A 99 -0.87 8.99 -3.56
CA ASP A 99 0.25 9.09 -4.50
C ASP A 99 1.17 7.86 -4.42
N ILE A 100 0.60 6.69 -4.74
CA ILE A 100 1.37 5.46 -4.70
C ILE A 100 2.30 5.34 -5.90
N GLU A 101 2.09 6.20 -6.89
CA GLU A 101 2.92 6.19 -8.09
C GLU A 101 4.31 6.69 -7.76
N ALA A 102 4.39 7.69 -6.88
CA ALA A 102 5.68 8.25 -6.51
C ALA A 102 6.57 7.17 -5.94
N LEU A 103 5.97 6.31 -5.14
CA LEU A 103 6.68 5.21 -4.51
C LEU A 103 7.48 4.44 -5.53
N TRP A 104 6.82 4.05 -6.62
CA TRP A 104 7.53 3.30 -7.61
C TRP A 104 8.18 4.21 -8.64
N GLY A 105 8.66 5.37 -8.20
CA GLY A 105 9.31 6.30 -9.09
C GLY A 105 8.41 6.70 -10.25
N GLY A 106 7.28 7.32 -9.92
CA GLY A 106 6.36 7.77 -10.95
C GLY A 106 5.77 9.08 -10.50
N GLN A 107 5.44 9.97 -11.43
CA GLN A 107 4.86 11.25 -11.03
C GLN A 107 3.36 11.15 -11.23
N LYS A 108 2.61 11.56 -10.21
CA LYS A 108 1.15 11.53 -10.28
C LYS A 108 0.64 12.65 -11.18
N PRO A 109 -0.42 12.37 -11.96
CA PRO A 109 -1.00 13.36 -12.89
C PRO A 109 -1.55 14.59 -12.16
N SER A 110 -1.45 15.75 -12.81
CA SER A 110 -1.94 16.99 -12.22
C SER A 110 -3.35 16.84 -11.66
N PHE A 111 -3.61 17.45 -10.52
CA PHE A 111 -4.95 17.37 -9.93
C PHE A 111 -5.54 18.77 -9.86
N ALA A 112 -5.36 19.41 -8.71
CA ALA A 112 -5.87 20.75 -8.46
C ALA A 112 -7.38 20.88 -8.73
N VAL A 113 -8.18 20.17 -7.93
CA VAL A 113 -9.63 20.21 -8.06
C VAL A 113 -10.30 20.19 -6.68
N GLY A 114 -9.59 19.65 -5.70
CA GLY A 114 -10.13 19.56 -4.34
C GLY A 114 -9.92 18.21 -3.69
N ALA A 115 -9.33 18.22 -2.48
CA ALA A 115 -9.07 17.00 -1.70
C ALA A 115 -8.80 17.31 -0.21
N ALA A 116 -9.64 18.15 0.38
CA ALA A 116 -9.55 18.54 1.80
C ALA A 116 -10.02 17.41 2.73
N LYS A 117 -10.82 16.50 2.17
CA LYS A 117 -11.35 15.35 2.91
C LYS A 117 -11.12 14.08 2.07
N PRO A 118 -9.84 13.70 1.87
CA PRO A 118 -9.44 12.50 1.09
C PRO A 118 -9.73 11.21 1.87
N TRP A 119 -9.80 11.33 3.20
CA TRP A 119 -10.10 10.22 4.08
C TRP A 119 -11.61 10.09 4.26
N SER A 120 -12.34 11.10 3.79
CA SER A 120 -13.80 11.12 3.88
C SER A 120 -14.42 10.89 2.50
N MSE B 1 23.74 3.98 7.42
CA MSE B 1 23.71 5.24 8.22
C MSE B 1 23.55 4.96 9.71
O MSE B 1 23.65 3.81 10.15
CB MSE B 1 22.57 6.12 7.73
CG MSE B 1 21.25 5.38 7.66
SE MSE B 1 20.08 6.21 6.61
CE MSE B 1 20.09 5.10 5.20
N GLU B 2 23.28 6.01 10.48
CA GLU B 2 23.11 5.88 11.94
C GLU B 2 21.75 5.32 12.37
N ILE B 3 21.75 4.64 13.51
CA ILE B 3 20.55 4.03 14.08
C ILE B 3 19.31 4.94 13.95
N GLN B 4 19.37 6.18 14.44
CA GLN B 4 18.20 7.04 14.33
C GLN B 4 18.06 7.65 12.96
N GLU B 5 18.99 7.33 12.07
CA GLU B 5 18.94 7.85 10.69
C GLU B 5 17.98 7.00 9.91
N ILE B 6 18.19 5.69 9.93
CA ILE B 6 17.32 4.75 9.22
C ILE B 6 15.91 4.85 9.75
N SER B 7 15.79 5.21 11.02
CA SER B 7 14.49 5.36 11.66
C SER B 7 13.68 6.46 11.00
N LYS B 8 14.30 7.62 10.83
CA LYS B 8 13.62 8.76 10.21
C LYS B 8 13.30 8.51 8.75
N LEU B 9 14.08 7.62 8.14
CA LEU B 9 13.93 7.26 6.73
C LEU B 9 12.68 6.38 6.60
N ALA B 10 12.49 5.48 7.57
CA ALA B 10 11.35 4.56 7.60
C ALA B 10 10.06 5.32 7.92
N ILE B 11 10.18 6.34 8.76
CA ILE B 11 9.05 7.15 9.15
C ILE B 11 8.60 8.03 7.98
N GLU B 12 9.55 8.74 7.39
CA GLU B 12 9.26 9.60 6.26
C GLU B 12 8.56 8.79 5.19
N ALA B 13 9.05 7.56 4.98
CA ALA B 13 8.48 6.64 3.98
C ALA B 13 7.03 6.33 4.31
N LEU B 14 6.72 6.15 5.58
CA LEU B 14 5.36 5.87 6.00
C LEU B 14 4.52 7.13 5.74
N GLU B 15 5.16 8.29 5.79
CA GLU B 15 4.44 9.54 5.56
C GLU B 15 4.18 9.79 4.07
N ASP B 16 4.97 9.17 3.21
CA ASP B 16 4.77 9.39 1.79
C ASP B 16 3.43 8.81 1.36
N ILE B 17 2.93 7.82 2.08
CA ILE B 17 1.63 7.23 1.74
C ILE B 17 0.63 7.51 2.88
N LYS B 18 0.65 8.74 3.38
CA LYS B 18 -0.25 9.18 4.44
C LYS B 18 -0.55 8.13 5.51
N GLY B 19 0.49 7.76 6.26
CA GLY B 19 0.32 6.79 7.32
C GLY B 19 -0.30 7.46 8.51
N LYS B 20 -1.20 6.75 9.19
CA LYS B 20 -1.89 7.29 10.36
C LYS B 20 -1.25 6.87 11.67
N ASP B 21 -1.32 7.76 12.66
CA ASP B 21 -0.79 7.52 14.00
C ASP B 21 0.58 6.84 14.04
N ILE B 22 1.54 7.39 13.30
CA ILE B 22 2.88 6.83 13.25
C ILE B 22 3.64 7.11 14.56
N ILE B 23 4.21 6.06 15.15
CA ILE B 23 4.94 6.22 16.40
C ILE B 23 6.29 5.51 16.39
N GLU B 24 7.21 6.01 17.20
CA GLU B 24 8.53 5.42 17.29
C GLU B 24 8.88 5.11 18.75
N LEU B 25 9.14 3.84 19.06
CA LEU B 25 9.49 3.45 20.43
C LEU B 25 10.95 3.01 20.54
N ASP B 26 11.56 3.34 21.67
CA ASP B 26 12.96 3.00 21.92
C ASP B 26 13.08 1.71 22.70
N THR B 27 13.10 0.59 22.00
CA THR B 27 13.19 -0.71 22.65
C THR B 27 14.58 -1.06 23.14
N SER B 28 15.51 -0.12 22.93
CA SER B 28 16.91 -0.26 23.33
C SER B 28 17.14 -1.02 24.62
N LYS B 29 16.53 -0.56 25.71
CA LYS B 29 16.73 -1.21 27.00
C LYS B 29 15.69 -2.27 27.31
N LEU B 30 15.00 -2.78 26.29
CA LEU B 30 13.98 -3.80 26.50
C LEU B 30 14.35 -5.12 25.85
N THR B 31 15.13 -5.05 24.78
CA THR B 31 15.58 -6.25 24.08
C THR B 31 16.81 -5.97 23.23
N SER B 32 17.40 -7.06 22.75
CA SER B 32 18.59 -6.96 21.94
C SER B 32 18.22 -7.14 20.47
N LEU B 33 17.01 -7.61 20.23
CA LEU B 33 16.52 -7.85 18.88
C LEU B 33 16.63 -6.62 18.01
N PHE B 34 16.21 -5.48 18.56
CA PHE B 34 16.25 -4.20 17.85
C PHE B 34 16.27 -2.99 18.79
N GLN B 35 16.73 -1.85 18.29
CA GLN B 35 16.80 -0.63 19.09
C GLN B 35 15.56 0.27 18.95
N ARG B 36 15.11 0.49 17.72
CA ARG B 36 13.96 1.33 17.48
C ARG B 36 12.85 0.58 16.75
N MSE B 37 11.61 0.80 17.18
CA MSE B 37 10.44 0.18 16.58
C MSE B 37 9.47 1.26 16.10
O MSE B 37 9.36 2.31 16.72
CB MSE B 37 9.73 -0.70 17.58
CG MSE B 37 8.41 -1.22 17.08
SE MSE B 37 7.63 -2.53 18.28
CE MSE B 37 8.54 -4.12 17.66
N ILE B 38 8.76 0.99 15.02
CA ILE B 38 7.80 1.96 14.51
C ILE B 38 6.47 1.29 14.23
N VAL B 39 5.38 1.92 14.63
CA VAL B 39 4.06 1.36 14.39
C VAL B 39 3.17 2.39 13.71
N ALA B 40 2.80 2.15 12.46
CA ALA B 40 1.93 3.07 11.75
C ALA B 40 0.64 2.36 11.34
N THR B 41 -0.43 3.14 11.16
CA THR B 41 -1.75 2.59 10.81
C THR B 41 -2.15 2.81 9.37
N GLY B 42 -2.76 1.79 8.78
CA GLY B 42 -3.24 1.91 7.40
C GLY B 42 -4.73 1.65 7.42
N ASP B 43 -5.52 2.53 6.79
CA ASP B 43 -6.97 2.37 6.78
C ASP B 43 -7.51 1.22 5.93
N SER B 44 -6.66 0.58 5.13
CA SER B 44 -7.14 -0.52 4.30
C SER B 44 -5.97 -1.36 3.86
N ASN B 45 -6.21 -2.63 3.58
CA ASN B 45 -5.12 -3.50 3.15
C ASN B 45 -4.30 -2.83 2.08
N ARG B 46 -4.98 -2.16 1.17
CA ARG B 46 -4.32 -1.48 0.09
C ARG B 46 -3.33 -0.48 0.66
N GLN B 47 -3.78 0.36 1.59
CA GLN B 47 -2.90 1.34 2.18
C GLN B 47 -1.85 0.67 3.04
N VAL B 48 -2.23 -0.37 3.74
CA VAL B 48 -1.29 -1.03 4.61
C VAL B 48 -0.15 -1.62 3.82
N LYS B 49 -0.49 -2.29 2.73
CA LYS B 49 0.52 -2.91 1.88
C LYS B 49 1.36 -1.86 1.17
N ALA B 50 0.77 -0.70 0.89
CA ALA B 50 1.46 0.40 0.23
C ALA B 50 2.47 1.00 1.22
N LEU B 51 2.04 1.17 2.46
CA LEU B 51 2.89 1.70 3.49
C LEU B 51 4.05 0.74 3.66
N ALA B 52 3.74 -0.56 3.74
CA ALA B 52 4.77 -1.59 3.89
C ALA B 52 5.71 -1.56 2.70
N ASN B 53 5.18 -1.40 1.49
CA ASN B 53 6.05 -1.38 0.31
C ASN B 53 6.91 -0.13 0.32
N SER B 54 6.30 1.01 0.61
CA SER B 54 7.05 2.26 0.64
C SER B 54 8.25 2.15 1.59
N VAL B 55 8.03 1.57 2.76
CA VAL B 55 9.12 1.42 3.71
C VAL B 55 10.26 0.56 3.15
N GLN B 56 9.93 -0.50 2.41
CA GLN B 56 10.99 -1.32 1.86
C GLN B 56 11.70 -0.62 0.72
N VAL B 57 10.95 -0.07 -0.22
CA VAL B 57 11.58 0.60 -1.36
C VAL B 57 12.45 1.77 -0.95
N LYS B 58 12.08 2.45 0.12
CA LYS B 58 12.83 3.61 0.61
C LYS B 58 14.13 3.22 1.29
N LEU B 59 14.07 2.21 2.15
CA LEU B 59 15.26 1.74 2.85
C LEU B 59 16.22 1.05 1.88
N LYS B 60 15.72 0.54 0.76
CA LYS B 60 16.59 -0.14 -0.20
C LYS B 60 17.36 0.87 -1.04
N GLU B 61 16.70 1.92 -1.53
CA GLU B 61 17.39 2.90 -2.35
C GLU B 61 18.40 3.66 -1.52
N ALA B 62 18.36 3.46 -0.20
CA ALA B 62 19.29 4.14 0.71
C ALA B 62 20.39 3.18 1.17
N GLY B 63 20.37 1.98 0.59
CA GLY B 63 21.37 0.98 0.92
C GLY B 63 21.20 0.38 2.29
N VAL B 64 19.99 -0.05 2.60
CA VAL B 64 19.68 -0.66 3.89
C VAL B 64 18.93 -1.94 3.65
N ASP B 65 19.67 -3.01 3.40
CA ASP B 65 19.02 -4.29 3.13
C ASP B 65 18.01 -4.57 4.23
N ILE B 66 16.94 -5.28 3.86
CA ILE B 66 15.89 -5.64 4.81
C ILE B 66 15.91 -7.13 5.09
N VAL B 67 15.99 -7.48 6.36
CA VAL B 67 16.00 -8.87 6.78
C VAL B 67 14.82 -9.66 6.20
N GLY B 68 13.72 -8.97 5.92
CA GLY B 68 12.56 -9.64 5.35
C GLY B 68 11.24 -9.11 5.86
N SER B 69 10.18 -9.35 5.11
CA SER B 69 8.86 -8.90 5.49
C SER B 69 8.00 -10.10 5.84
N GLU B 70 6.82 -9.85 6.38
CA GLU B 70 5.91 -10.93 6.77
C GLU B 70 4.51 -10.35 6.84
N GLY B 71 3.54 -11.13 6.39
CA GLY B 71 2.16 -10.67 6.43
C GLY B 71 1.85 -9.64 5.37
N HIS B 72 2.74 -9.48 4.40
CA HIS B 72 2.53 -8.51 3.34
C HIS B 72 1.37 -8.92 2.44
N GLU B 73 0.91 -10.15 2.58
CA GLU B 73 -0.17 -10.70 1.77
C GLU B 73 -1.57 -10.19 2.15
N SER B 74 -2.07 -10.61 3.30
CA SER B 74 -3.39 -10.21 3.76
C SER B 74 -3.52 -8.71 3.95
N GLY B 75 -2.42 -8.07 4.33
CA GLY B 75 -2.43 -6.63 4.54
C GLY B 75 -3.13 -6.21 5.82
N GLU B 76 -3.01 -7.03 6.86
CA GLU B 76 -3.66 -6.72 8.10
C GLU B 76 -2.66 -6.30 9.14
N TRP B 77 -1.52 -6.98 9.13
CA TRP B 77 -0.42 -6.72 10.05
C TRP B 77 0.86 -7.11 9.33
N VAL B 78 1.50 -6.12 8.71
CA VAL B 78 2.73 -6.35 7.97
C VAL B 78 3.89 -5.91 8.84
N LEU B 79 4.94 -6.73 8.90
CA LEU B 79 6.13 -6.45 9.70
C LEU B 79 7.37 -6.39 8.84
N VAL B 80 7.91 -5.19 8.67
CA VAL B 80 9.12 -5.03 7.86
C VAL B 80 10.36 -5.01 8.77
N ASP B 81 11.07 -6.14 8.81
CA ASP B 81 12.26 -6.29 9.64
C ASP B 81 13.52 -5.66 9.03
N ALA B 82 14.02 -4.59 9.64
CA ALA B 82 15.21 -3.92 9.12
C ALA B 82 16.40 -3.98 10.07
N GLY B 83 16.63 -5.15 10.66
CA GLY B 83 17.77 -5.32 11.55
C GLY B 83 17.64 -4.73 12.95
N ASP B 84 18.22 -3.55 13.17
CA ASP B 84 18.15 -2.92 14.49
C ASP B 84 16.91 -2.08 14.58
N VAL B 85 16.22 -1.93 13.45
CA VAL B 85 14.98 -1.17 13.40
C VAL B 85 13.95 -1.98 12.63
N VAL B 86 12.73 -1.99 13.14
CA VAL B 86 11.67 -2.73 12.49
C VAL B 86 10.41 -1.90 12.46
N VAL B 87 9.68 -1.97 11.34
CA VAL B 87 8.43 -1.22 11.15
C VAL B 87 7.21 -2.14 11.15
N HIS B 88 6.18 -1.71 11.88
CA HIS B 88 4.90 -2.42 11.95
C HIS B 88 3.80 -1.57 11.33
N VAL B 89 3.20 -2.08 10.27
CA VAL B 89 2.11 -1.40 9.58
C VAL B 89 0.90 -2.30 9.78
N MSE B 90 -0.14 -1.78 10.41
CA MSE B 90 -1.31 -2.60 10.66
C MSE B 90 -2.65 -1.87 10.63
O MSE B 90 -2.69 -0.64 10.79
CB MSE B 90 -1.11 -3.33 12.00
CG MSE B 90 -0.50 -2.47 13.11
SE MSE B 90 0.04 -3.51 14.73
CE MSE B 90 1.76 -2.66 15.02
N LEU B 91 -3.72 -2.61 10.40
CA LEU B 91 -5.05 -2.02 10.36
C LEU B 91 -5.45 -1.54 11.75
N PRO B 92 -6.23 -0.45 11.82
CA PRO B 92 -6.69 0.12 13.10
C PRO B 92 -7.23 -0.92 14.09
N ALA B 93 -8.15 -1.76 13.63
CA ALA B 93 -8.73 -2.80 14.48
C ALA B 93 -7.66 -3.80 14.90
N VAL B 94 -6.67 -4.05 14.03
CA VAL B 94 -5.62 -4.98 14.36
C VAL B 94 -4.66 -4.38 15.37
N ARG B 95 -4.22 -3.14 15.13
CA ARG B 95 -3.32 -2.49 16.07
C ARG B 95 -3.94 -2.50 17.47
N ASP B 96 -5.17 -2.02 17.59
CA ASP B 96 -5.87 -2.00 18.87
C ASP B 96 -5.97 -3.38 19.54
N TYR B 97 -6.26 -4.42 18.76
CA TYR B 97 -6.41 -5.77 19.30
C TYR B 97 -5.20 -6.36 20.00
N TYR B 98 -4.09 -6.40 19.27
CA TYR B 98 -2.85 -6.95 19.78
C TYR B 98 -2.14 -5.94 20.67
N ASP B 99 -2.30 -4.66 20.37
CA ASP B 99 -1.67 -3.60 21.17
C ASP B 99 -0.22 -3.96 21.54
N ILE B 100 0.62 -4.09 20.53
CA ILE B 100 2.03 -4.44 20.76
C ILE B 100 2.82 -3.24 21.27
N GLU B 101 2.22 -2.06 21.14
CA GLU B 101 2.89 -0.85 21.58
C GLU B 101 2.97 -0.82 23.10
N ALA B 102 1.92 -1.30 23.75
CA ALA B 102 1.90 -1.31 25.21
C ALA B 102 3.08 -2.08 25.74
N LEU B 103 3.37 -3.21 25.10
CA LEU B 103 4.46 -4.07 25.49
C LEU B 103 5.73 -3.24 25.65
N TRP B 104 6.05 -2.45 24.65
CA TRP B 104 7.25 -1.66 24.75
C TRP B 104 7.00 -0.32 25.41
N GLY B 105 6.10 -0.31 26.37
CA GLY B 105 5.78 0.92 27.08
C GLY B 105 5.33 2.03 26.15
N GLY B 106 4.23 1.78 25.46
CA GLY B 106 3.70 2.77 24.54
C GLY B 106 2.19 2.72 24.62
N GLN B 107 1.51 3.83 24.43
CA GLN B 107 0.05 3.80 24.48
C GLN B 107 -0.47 3.77 23.06
N LYS B 108 -1.40 2.85 22.79
CA LYS B 108 -1.98 2.73 21.45
C LYS B 108 -2.95 3.88 21.18
N PRO B 109 -2.96 4.40 19.95
CA PRO B 109 -3.84 5.50 19.56
C PRO B 109 -5.33 5.15 19.72
N SER B 110 -6.14 6.15 20.07
CA SER B 110 -7.58 5.94 20.24
C SER B 110 -8.18 5.20 19.06
N PHE B 111 -9.11 4.29 19.34
CA PHE B 111 -9.75 3.55 18.25
C PHE B 111 -11.24 3.87 18.26
N ALA B 112 -12.00 3.02 18.94
CA ALA B 112 -13.46 3.16 19.05
C ALA B 112 -14.14 3.26 17.69
N VAL B 113 -14.06 2.19 16.90
CA VAL B 113 -14.70 2.14 15.58
C VAL B 113 -15.30 0.75 15.32
N GLY B 114 -14.76 -0.26 15.99
CA GLY B 114 -15.26 -1.62 15.81
C GLY B 114 -14.15 -2.65 15.66
N ALA B 115 -14.21 -3.71 16.48
CA ALA B 115 -13.22 -4.80 16.46
C ALA B 115 -13.73 -6.06 17.17
N ALA B 116 -14.99 -6.45 16.89
CA ALA B 116 -15.62 -7.64 17.48
C ALA B 116 -15.07 -8.94 16.87
N LYS B 117 -14.48 -8.80 15.67
CA LYS B 117 -13.89 -9.93 14.95
C LYS B 117 -12.49 -9.53 14.47
N PRO B 118 -11.54 -9.30 15.42
CA PRO B 118 -10.15 -8.92 15.15
C PRO B 118 -9.35 -10.10 14.60
N TRP B 119 -9.81 -11.32 14.91
CA TRP B 119 -9.18 -12.56 14.44
C TRP B 119 -9.76 -12.95 13.09
N SER B 120 -10.84 -12.27 12.70
CA SER B 120 -11.50 -12.52 11.42
C SER B 120 -11.23 -11.38 10.44
I IOD C . 1.61 -0.43 -3.68
I IOD D . 6.90 -7.44 19.01
#